data_7I9Y
#
_entry.id   7I9Y
#
_cell.length_a   42.729
_cell.length_b   42.729
_cell.length_c   216.635
_cell.angle_alpha   90.000
_cell.angle_beta   90.000
_cell.angle_gamma   90.000
#
_symmetry.space_group_name_H-M   'P 43 2 2'
#
loop_
_entity.id
_entity.type
_entity.pdbx_description
1 polymer 'Serine protease subunit NS2B'
2 polymer 'Serine protease NS3'
3 non-polymer 'DIMETHYL SULFOXIDE'
4 non-polymer 'ethyl 5-[({(2R)-2-(3-chloro-5-cyclopropylphenyl)-2-[(2,3-dihydro-1H-isoindol-5-yl)amino]acetyl}amino)methyl]-1,3-oxazole-4-carboxylate'
5 water water
#
loop_
_entity_poly.entity_id
_entity_poly.type
_entity_poly.pdbx_seq_one_letter_code
_entity_poly.pdbx_strand_id
1 'polypeptide(L)' SMGKSVDMYIERAGDITWEKDAEVTGNSPRLDVALDESGDFSLVEE A
2 'polypeptide(L)'
;MKEVKKGETTDGVYRVMTRRLLGSTQVGVGVMQEGVFHTMWHVTKGAALRSGEGRLDPYWGDVKQDLVSYCGPWKLDAAW
DGLSEVQLLAVPPGERAKNIQTLPGIFKTKDGDIGAVALDYPAGTSGSPILDKCGRVIGLYGNGVVIKNGSYVSAITQGK
REEETPVE
;
B
#
loop_
_chem_comp.id
_chem_comp.type
_chem_comp.name
_chem_comp.formula
A1B8P non-polymer 'ethyl 5-[({(2R)-2-(3-chloro-5-cyclopropylphenyl)-2-[(2,3-dihydro-1H-isoindol-5-yl)amino]acetyl}amino)methyl]-1,3-oxazole-4-carboxylate' 'C26 H27 Cl N4 O4'
DMS non-polymer 'DIMETHYL SULFOXIDE' 'C2 H6 O S'
#
# COMPACT_ATOMS: atom_id res chain seq x y z
N ASP A 7 -10.97 -9.96 -15.24
CA ASP A 7 -11.29 -8.53 -15.22
C ASP A 7 -11.35 -7.98 -13.77
N MET A 8 -10.72 -6.82 -13.52
CA MET A 8 -10.66 -6.25 -12.18
C MET A 8 -11.56 -5.04 -11.94
N TYR A 9 -12.09 -4.94 -10.70
CA TYR A 9 -12.97 -3.86 -10.30
C TYR A 9 -12.68 -3.34 -8.88
N ILE A 10 -13.07 -2.09 -8.62
CA ILE A 10 -12.82 -1.49 -7.31
C ILE A 10 -14.12 -1.24 -6.52
N GLU A 11 -14.01 -1.39 -5.18
CA GLU A 11 -15.15 -1.21 -4.28
C GLU A 11 -14.71 -0.33 -3.13
N ARG A 12 -15.50 0.72 -2.79
CA ARG A 12 -15.06 1.61 -1.69
C ARG A 12 -15.00 0.86 -0.37
N ALA A 13 -13.99 1.14 0.47
CA ALA A 13 -13.91 0.46 1.78
C ALA A 13 -13.88 1.41 2.98
N GLY A 14 -13.73 2.71 2.74
CA GLY A 14 -13.74 3.67 3.83
C GLY A 14 -13.05 4.97 3.57
N ASP A 15 -13.02 5.81 4.62
CA ASP A 15 -12.34 7.09 4.59
C ASP A 15 -10.92 6.87 5.06
N ILE A 16 -10.02 7.74 4.66
CA ILE A 16 -8.64 7.69 5.09
C ILE A 16 -8.50 8.69 6.23
N THR A 17 -8.55 8.16 7.47
N THR A 17 -8.54 8.17 7.47
CA THR A 17 -8.42 8.95 8.69
CA THR A 17 -8.50 8.98 8.69
C THR A 17 -7.56 8.27 9.73
C THR A 17 -7.72 8.30 9.81
N TRP A 18 -6.90 9.06 10.55
CA TRP A 18 -6.14 8.57 11.69
C TRP A 18 -7.17 8.26 12.81
N GLU A 19 -7.04 7.11 13.48
CA GLU A 19 -7.98 6.76 14.56
C GLU A 19 -7.29 6.96 15.91
N LYS A 20 -7.85 7.86 16.74
CA LYS A 20 -7.31 8.08 18.08
C LYS A 20 -7.63 6.82 18.89
N ASP A 21 -6.65 6.31 19.65
CA ASP A 21 -6.87 5.09 20.44
C ASP A 21 -7.01 3.84 19.55
N ALA A 22 -6.21 3.76 18.48
CA ALA A 22 -6.21 2.55 17.66
C ALA A 22 -5.34 1.50 18.41
N GLU A 23 -5.49 0.23 18.05
CA GLU A 23 -4.66 -0.84 18.64
C GLU A 23 -3.19 -0.61 18.20
N VAL A 24 -2.26 -0.52 19.18
CA VAL A 24 -0.84 -0.26 18.91
C VAL A 24 -0.09 -1.60 18.89
N THR A 25 0.54 -1.99 17.75
CA THR A 25 1.26 -3.28 17.69
C THR A 25 2.44 -3.26 16.68
N GLY A 26 3.25 -4.31 16.64
CA GLY A 26 4.36 -4.40 15.72
C GLY A 26 5.64 -3.82 16.28
N ASN A 27 6.75 -4.43 15.88
CA ASN A 27 8.06 -3.96 16.30
C ASN A 27 8.67 -3.04 15.20
N SER A 28 9.90 -2.55 15.39
CA SER A 28 10.55 -1.60 14.48
C SER A 28 11.95 -2.13 14.06
N PRO A 29 11.99 -3.18 13.23
CA PRO A 29 13.29 -3.77 12.90
C PRO A 29 14.13 -2.94 11.94
N ARG A 30 15.45 -2.93 12.14
CA ARG A 30 16.36 -2.23 11.24
C ARG A 30 17.10 -3.31 10.42
N LEU A 31 16.79 -3.39 9.11
CA LEU A 31 17.26 -4.45 8.22
C LEU A 31 18.03 -3.95 7.01
N ASP A 32 19.14 -4.65 6.66
CA ASP A 32 19.88 -4.32 5.44
C ASP A 32 19.20 -5.07 4.30
N VAL A 33 18.67 -4.33 3.31
CA VAL A 33 17.93 -4.96 2.22
C VAL A 33 18.46 -4.49 0.85
N ALA A 34 18.17 -5.29 -0.20
CA ALA A 34 18.51 -4.98 -1.57
C ALA A 34 17.22 -4.97 -2.40
N LEU A 35 17.15 -4.11 -3.42
CA LEU A 35 15.98 -4.00 -4.26
C LEU A 35 16.40 -4.27 -5.70
N ASP A 36 15.81 -5.29 -6.33
CA ASP A 36 16.23 -5.64 -7.68
C ASP A 36 15.33 -4.99 -8.78
N GLU A 37 15.71 -5.14 -10.05
CA GLU A 37 14.99 -4.59 -11.20
C GLU A 37 13.53 -5.05 -11.27
N SER A 38 13.20 -6.26 -10.78
CA SER A 38 11.81 -6.71 -10.75
C SER A 38 11.00 -6.14 -9.53
N GLY A 39 11.58 -5.19 -8.79
CA GLY A 39 10.91 -4.60 -7.64
C GLY A 39 10.77 -5.55 -6.46
N ASP A 40 11.66 -6.57 -6.38
CA ASP A 40 11.63 -7.54 -5.31
C ASP A 40 12.71 -7.24 -4.27
N PHE A 41 12.31 -7.12 -3.00
CA PHE A 41 13.22 -6.91 -1.90
C PHE A 41 13.84 -8.22 -1.47
N SER A 42 15.08 -8.16 -1.00
CA SER A 42 15.75 -9.34 -0.44
C SER A 42 16.58 -8.91 0.77
N LEU A 43 16.84 -9.82 1.72
CA LEU A 43 17.69 -9.49 2.87
C LEU A 43 19.15 -9.56 2.48
N VAL A 44 19.93 -8.57 2.89
CA VAL A 44 21.38 -8.55 2.63
C VAL A 44 22.07 -9.14 3.85
N GLU A 45 22.98 -10.09 3.65
CA GLU A 45 23.72 -10.68 4.77
C GLU A 45 25.16 -10.95 4.35
N GLY B 7 -17.72 6.09 -12.82
CA GLY B 7 -17.93 5.41 -11.55
C GLY B 7 -17.67 6.24 -10.30
N GLU B 8 -17.50 5.57 -9.13
CA GLU B 8 -17.24 6.31 -7.89
C GLU B 8 -15.83 6.88 -7.85
N THR B 9 -15.74 8.20 -7.74
N THR B 9 -15.75 8.20 -7.75
CA THR B 9 -14.45 8.87 -7.72
CA THR B 9 -14.46 8.89 -7.71
C THR B 9 -14.17 9.56 -6.38
C THR B 9 -14.16 9.53 -6.37
N THR B 10 -15.01 9.31 -5.35
CA THR B 10 -14.86 9.88 -4.01
C THR B 10 -13.55 9.42 -3.42
N ASP B 11 -12.81 10.35 -2.80
CA ASP B 11 -11.57 10.08 -2.10
C ASP B 11 -11.84 8.97 -1.04
N GLY B 12 -10.87 8.10 -0.84
CA GLY B 12 -11.02 7.02 0.13
C GLY B 12 -10.15 5.82 -0.18
N VAL B 13 -10.26 4.78 0.66
CA VAL B 13 -9.54 3.53 0.45
C VAL B 13 -10.52 2.56 -0.26
N TYR B 14 -10.01 1.80 -1.25
CA TYR B 14 -10.83 0.88 -2.04
C TYR B 14 -10.23 -0.49 -2.12
N ARG B 15 -11.07 -1.51 -2.21
CA ARG B 15 -10.64 -2.88 -2.44
C ARG B 15 -10.52 -3.08 -3.95
N VAL B 16 -9.51 -3.83 -4.39
CA VAL B 16 -9.26 -4.23 -5.76
C VAL B 16 -9.64 -5.69 -5.88
N MET B 17 -10.70 -5.96 -6.59
CA MET B 17 -11.32 -7.28 -6.71
C MET B 17 -11.22 -7.89 -8.11
N THR B 18 -11.40 -9.22 -8.21
CA THR B 18 -11.47 -9.93 -9.49
C THR B 18 -12.52 -11.04 -9.44
N ARG B 19 -13.21 -11.29 -10.57
CA ARG B 19 -14.15 -12.43 -10.64
C ARG B 19 -13.64 -13.55 -11.59
N ARG B 20 -12.35 -13.51 -11.98
CA ARG B 20 -11.73 -14.49 -12.87
C ARG B 20 -11.55 -15.84 -12.15
N LEU B 21 -11.24 -15.81 -10.84
CA LEU B 21 -11.03 -17.03 -10.06
C LEU B 21 -12.37 -17.53 -9.43
N LEU B 22 -12.31 -18.38 -8.39
CA LEU B 22 -13.52 -18.86 -7.73
C LEU B 22 -14.15 -17.67 -6.98
N GLY B 23 -15.46 -17.48 -7.14
CA GLY B 23 -16.20 -16.39 -6.53
C GLY B 23 -15.63 -15.01 -6.84
N SER B 24 -15.70 -14.10 -5.86
CA SER B 24 -15.12 -12.76 -5.98
C SER B 24 -13.93 -12.75 -5.04
N THR B 25 -12.73 -12.46 -5.57
CA THR B 25 -11.49 -12.51 -4.81
C THR B 25 -10.81 -11.15 -4.70
N GLN B 26 -10.33 -10.80 -3.48
CA GLN B 26 -9.64 -9.54 -3.30
C GLN B 26 -8.15 -9.74 -3.57
N VAL B 27 -7.66 -9.08 -4.62
CA VAL B 27 -6.24 -9.19 -4.98
C VAL B 27 -5.38 -8.04 -4.38
N GLY B 28 -6.03 -6.99 -3.88
CA GLY B 28 -5.31 -5.86 -3.30
C GLY B 28 -6.21 -4.71 -2.93
N VAL B 29 -5.59 -3.58 -2.59
CA VAL B 29 -6.23 -2.36 -2.05
C VAL B 29 -5.59 -1.13 -2.71
N GLY B 30 -6.26 0.01 -2.68
CA GLY B 30 -5.70 1.24 -3.20
C GLY B 30 -6.33 2.51 -2.67
N VAL B 31 -5.76 3.65 -3.06
CA VAL B 31 -6.16 4.96 -2.58
C VAL B 31 -6.68 5.85 -3.70
N MET B 32 -7.89 6.38 -3.53
CA MET B 32 -8.42 7.36 -4.45
C MET B 32 -8.17 8.75 -3.83
N GLN B 33 -7.43 9.59 -4.53
CA GLN B 33 -7.13 10.93 -4.07
C GLN B 33 -7.00 11.86 -5.26
N GLU B 34 -7.70 13.01 -5.23
CA GLU B 34 -7.67 14.01 -6.31
C GLU B 34 -7.99 13.41 -7.70
N GLY B 35 -8.95 12.51 -7.75
CA GLY B 35 -9.36 11.89 -9.01
C GLY B 35 -8.41 10.87 -9.59
N VAL B 36 -7.40 10.41 -8.80
CA VAL B 36 -6.42 9.44 -9.24
C VAL B 36 -6.44 8.19 -8.33
N PHE B 37 -6.43 6.99 -8.91
CA PHE B 37 -6.40 5.78 -8.09
C PHE B 37 -4.96 5.27 -8.04
N HIS B 38 -4.45 5.04 -6.84
CA HIS B 38 -3.07 4.64 -6.58
C HIS B 38 -3.03 3.23 -5.96
N THR B 39 -2.23 2.31 -6.51
CA THR B 39 -2.09 0.98 -5.93
C THR B 39 -0.64 0.45 -6.25
N MET B 40 -0.36 -0.82 -5.87
CA MET B 40 0.93 -1.42 -6.16
C MET B 40 0.84 -2.11 -7.51
N TRP B 41 1.94 -2.03 -8.29
CA TRP B 41 1.99 -2.65 -9.60
CA TRP B 41 1.99 -2.65 -9.60
C TRP B 41 1.66 -4.13 -9.57
N HIS B 42 2.23 -4.88 -8.62
CA HIS B 42 1.98 -6.33 -8.55
C HIS B 42 0.50 -6.72 -8.30
N VAL B 43 -0.34 -5.76 -7.88
CA VAL B 43 -1.75 -6.06 -7.64
C VAL B 43 -2.53 -6.18 -8.96
N THR B 44 -2.33 -5.21 -9.85
CA THR B 44 -3.05 -5.18 -11.14
C THR B 44 -2.23 -5.58 -12.37
N LYS B 45 -0.90 -5.60 -12.24
CA LYS B 45 0.05 -5.83 -13.35
C LYS B 45 -0.14 -4.75 -14.47
N GLY B 46 -0.68 -3.58 -14.11
CA GLY B 46 -0.93 -2.50 -15.04
C GLY B 46 -2.20 -2.63 -15.84
N ALA B 47 -3.05 -3.63 -15.55
CA ALA B 47 -4.30 -3.81 -16.31
C ALA B 47 -5.33 -2.71 -15.99
N ALA B 48 -6.28 -2.47 -16.91
CA ALA B 48 -7.34 -1.50 -16.68
C ALA B 48 -8.27 -1.99 -15.56
N LEU B 49 -8.94 -1.06 -14.87
CA LEU B 49 -9.86 -1.40 -13.80
C LEU B 49 -11.27 -0.89 -14.13
N ARG B 50 -12.25 -1.46 -13.50
CA ARG B 50 -13.64 -1.08 -13.64
C ARG B 50 -14.10 -0.46 -12.30
N SER B 51 -14.89 0.61 -12.36
CA SER B 51 -15.46 1.25 -11.18
C SER B 51 -16.93 1.46 -11.53
N GLY B 52 -17.79 0.51 -11.17
CA GLY B 52 -19.20 0.55 -11.57
C GLY B 52 -19.27 0.27 -13.05
N GLU B 53 -19.93 1.13 -13.83
CA GLU B 53 -19.93 1.00 -15.29
C GLU B 53 -18.69 1.68 -15.95
N GLY B 54 -17.98 2.51 -15.19
CA GLY B 54 -16.80 3.25 -15.66
C GLY B 54 -15.53 2.44 -15.77
N ARG B 55 -14.58 2.97 -16.55
CA ARG B 55 -13.29 2.32 -16.76
C ARG B 55 -12.16 3.23 -16.24
N LEU B 56 -11.15 2.69 -15.57
CA LEU B 56 -9.99 3.43 -15.10
C LEU B 56 -8.82 2.91 -15.93
N ASP B 57 -8.14 3.78 -16.69
CA ASP B 57 -7.00 3.37 -17.49
C ASP B 57 -5.70 3.70 -16.77
N PRO B 58 -4.69 2.82 -16.83
CA PRO B 58 -3.41 3.15 -16.19
C PRO B 58 -2.82 4.44 -16.79
N TYR B 59 -2.10 5.20 -15.99
CA TYR B 59 -1.54 6.46 -16.43
C TYR B 59 -0.02 6.47 -16.24
N TRP B 60 0.45 5.92 -15.15
CA TRP B 60 1.89 5.87 -14.86
C TRP B 60 2.13 4.59 -14.05
N GLY B 61 3.25 3.93 -14.28
CA GLY B 61 3.60 2.75 -13.51
C GLY B 61 5.07 2.44 -13.57
N ASP B 62 5.56 1.72 -12.59
CA ASP B 62 6.96 1.34 -12.55
C ASP B 62 7.08 0.05 -11.74
N VAL B 63 7.57 -1.00 -12.39
CA VAL B 63 7.76 -2.31 -11.75
C VAL B 63 8.79 -2.26 -10.61
N LYS B 64 9.86 -1.44 -10.72
CA LYS B 64 10.88 -1.41 -9.66
C LYS B 64 10.37 -0.73 -8.37
N GLN B 65 9.66 0.39 -8.52
CA GLN B 65 8.99 1.05 -7.38
C GLN B 65 7.78 0.22 -6.88
N ASP B 66 7.23 -0.64 -7.76
CA ASP B 66 6.06 -1.48 -7.55
C ASP B 66 4.84 -0.59 -7.33
N LEU B 67 4.71 0.50 -8.11
CA LEU B 67 3.58 1.42 -7.99
C LEU B 67 2.90 1.67 -9.35
N VAL B 68 1.61 2.05 -9.32
CA VAL B 68 0.83 2.38 -10.51
C VAL B 68 -0.26 3.36 -10.12
N SER B 69 -0.56 4.30 -11.01
CA SER B 69 -1.65 5.26 -10.84
C SER B 69 -2.60 5.16 -12.07
N TYR B 70 -3.86 5.52 -11.86
CA TYR B 70 -4.90 5.46 -12.90
C TYR B 70 -5.57 6.83 -12.95
N CYS B 71 -5.94 7.27 -14.19
CA CYS B 71 -6.66 8.51 -14.46
C CYS B 71 -5.80 9.77 -14.35
N GLY B 72 -4.60 9.67 -13.80
CA GLY B 72 -3.72 10.81 -13.66
C GLY B 72 -2.43 10.44 -12.99
N PRO B 73 -1.53 11.45 -12.86
CA PRO B 73 -0.21 11.21 -12.26
C PRO B 73 -0.28 10.92 -10.76
N TRP B 74 0.74 10.24 -10.21
CA TRP B 74 0.81 9.93 -8.76
C TRP B 74 0.64 11.25 -7.92
N LYS B 75 -0.28 11.28 -6.94
CA LYS B 75 -0.55 12.49 -6.17
C LYS B 75 0.00 12.45 -4.75
N LEU B 76 0.27 11.26 -4.20
CA LEU B 76 0.64 11.10 -2.79
C LEU B 76 2.10 11.49 -2.57
N ASP B 77 2.35 12.51 -1.73
CA ASP B 77 3.72 13.01 -1.55
C ASP B 77 4.17 13.14 -0.09
N ALA B 78 3.29 12.86 0.87
CA ALA B 78 3.67 12.92 2.28
C ALA B 78 4.76 11.89 2.60
N ALA B 79 5.66 12.27 3.52
CA ALA B 79 6.77 11.40 3.89
C ALA B 79 6.74 11.10 5.39
N TRP B 80 7.25 9.92 5.80
CA TRP B 80 7.38 9.56 7.20
C TRP B 80 8.46 10.46 7.78
N ASP B 81 8.29 10.95 9.03
CA ASP B 81 9.26 11.88 9.61
C ASP B 81 10.52 11.18 10.20
N GLY B 82 10.54 9.84 10.23
CA GLY B 82 11.64 9.06 10.79
C GLY B 82 11.61 8.92 12.31
N LEU B 83 10.60 9.51 12.97
CA LEU B 83 10.47 9.47 14.43
C LEU B 83 9.14 8.98 14.98
N SER B 84 8.01 9.45 14.42
CA SER B 84 6.67 9.21 14.96
C SER B 84 6.04 7.90 14.58
N GLU B 85 5.01 7.50 15.37
CA GLU B 85 4.25 6.33 15.04
C GLU B 85 3.34 6.69 13.84
N VAL B 86 2.92 5.68 13.11
CA VAL B 86 2.07 5.79 11.93
C VAL B 86 0.92 4.80 12.08
N GLN B 87 -0.05 4.85 11.17
CA GLN B 87 -1.13 3.91 11.15
C GLN B 87 -1.28 3.24 9.80
N LEU B 88 -1.34 1.91 9.82
CA LEU B 88 -1.68 1.16 8.65
C LEU B 88 -3.21 1.11 8.65
N LEU B 89 -3.85 1.56 7.57
CA LEU B 89 -5.29 1.44 7.43
C LEU B 89 -5.45 0.15 6.66
N ALA B 90 -5.41 -0.97 7.37
CA ALA B 90 -5.48 -2.31 6.79
C ALA B 90 -6.86 -2.59 6.27
N VAL B 91 -6.95 -3.06 5.02
CA VAL B 91 -8.23 -3.45 4.43
C VAL B 91 -8.08 -4.92 4.02
N PRO B 92 -8.23 -5.87 4.98
CA PRO B 92 -8.03 -7.29 4.67
C PRO B 92 -9.18 -7.90 3.89
N PRO B 93 -8.93 -8.96 3.13
CA PRO B 93 -10.01 -9.57 2.33
C PRO B 93 -11.18 -10.07 3.22
N GLY B 94 -12.42 -9.76 2.81
CA GLY B 94 -13.63 -10.13 3.54
C GLY B 94 -13.80 -9.49 4.92
N GLU B 95 -12.90 -8.58 5.28
CA GLU B 95 -12.93 -7.96 6.61
C GLU B 95 -12.97 -6.45 6.55
N ARG B 96 -13.52 -5.82 7.59
CA ARG B 96 -13.65 -4.36 7.65
C ARG B 96 -12.32 -3.67 7.72
N ALA B 97 -12.23 -2.43 7.15
CA ALA B 97 -11.06 -1.55 7.27
C ALA B 97 -10.73 -1.34 8.77
N LYS B 98 -9.47 -1.53 9.18
CA LYS B 98 -9.04 -1.46 10.58
C LYS B 98 -7.71 -0.68 10.67
N ASN B 99 -7.62 0.33 11.55
CA ASN B 99 -6.38 1.09 11.73
C ASN B 99 -5.49 0.41 12.76
N ILE B 100 -4.23 0.17 12.41
CA ILE B 100 -3.29 -0.44 13.35
C ILE B 100 -2.10 0.52 13.48
N GLN B 101 -1.81 0.97 14.70
CA GLN B 101 -0.75 1.94 14.96
C GLN B 101 0.56 1.24 15.28
N THR B 102 1.67 1.77 14.75
CA THR B 102 2.96 1.13 14.90
C THR B 102 4.10 2.12 14.73
N LEU B 103 5.27 1.79 15.28
CA LEU B 103 6.45 2.62 15.08
C LEU B 103 7.25 1.91 13.99
N PRO B 104 7.43 2.53 12.80
CA PRO B 104 8.16 1.83 11.74
C PRO B 104 9.59 1.61 12.10
N GLY B 105 10.12 0.50 11.58
CA GLY B 105 11.53 0.20 11.54
C GLY B 105 12.13 0.82 10.29
N ILE B 106 13.35 0.38 9.89
CA ILE B 106 14.06 0.91 8.73
C ILE B 106 14.55 -0.21 7.78
N PHE B 107 14.44 0.01 6.46
CA PHE B 107 15.06 -0.81 5.43
C PHE B 107 16.26 0.02 5.03
N LYS B 108 17.49 -0.45 5.27
CA LYS B 108 18.68 0.28 4.85
C LYS B 108 19.12 -0.29 3.53
N THR B 109 19.24 0.54 2.51
CA THR B 109 19.67 0.07 1.19
C THR B 109 20.94 0.82 0.70
N LYS B 110 21.56 0.37 -0.39
CA LYS B 110 22.71 1.06 -0.97
C LYS B 110 22.28 2.46 -1.51
N ASP B 111 20.97 2.69 -1.71
CA ASP B 111 20.46 3.95 -2.23
C ASP B 111 19.71 4.80 -1.21
N GLY B 112 19.84 4.51 0.07
CA GLY B 112 19.16 5.27 1.10
C GLY B 112 18.27 4.43 1.99
N ASP B 113 17.77 5.04 3.05
CA ASP B 113 16.91 4.37 4.00
C ASP B 113 15.44 4.69 3.72
N ILE B 114 14.56 3.73 3.99
CA ILE B 114 13.12 3.90 3.88
C ILE B 114 12.45 3.28 5.13
N GLY B 115 11.31 3.82 5.52
CA GLY B 115 10.58 3.27 6.66
C GLY B 115 10.07 1.88 6.35
N ALA B 116 9.80 1.08 7.39
CA ALA B 116 9.28 -0.27 7.20
C ALA B 116 8.29 -0.61 8.28
N VAL B 117 7.16 -1.26 7.93
CA VAL B 117 6.16 -1.63 8.93
CA VAL B 117 6.10 -1.62 8.86
C VAL B 117 6.09 -3.15 9.13
N ALA B 118 6.29 -3.58 10.41
CA ALA B 118 6.29 -5.00 10.72
C ALA B 118 4.92 -5.46 11.17
N LEU B 119 4.03 -5.65 10.19
CA LEU B 119 2.66 -6.12 10.47
C LEU B 119 2.35 -7.18 9.40
N ASP B 120 1.69 -8.27 9.82
CA ASP B 120 1.41 -9.40 8.94
C ASP B 120 -0.02 -9.52 8.51
N TYR B 121 -0.25 -9.43 7.20
CA TYR B 121 -1.60 -9.53 6.66
C TYR B 121 -1.65 -10.40 5.40
N PRO B 122 -2.85 -10.92 5.02
CA PRO B 122 -2.96 -11.71 3.79
C PRO B 122 -2.47 -10.92 2.56
N ALA B 123 -1.96 -11.62 1.52
CA ALA B 123 -1.44 -10.96 0.33
C ALA B 123 -2.43 -9.99 -0.35
N GLY B 124 -3.73 -10.30 -0.28
CA GLY B 124 -4.76 -9.44 -0.83
C GLY B 124 -4.92 -8.09 -0.13
N THR B 125 -4.14 -7.84 0.95
CA THR B 125 -4.12 -6.57 1.70
C THR B 125 -3.09 -5.55 1.03
N SER B 126 -2.21 -6.03 0.12
CA SER B 126 -1.20 -5.19 -0.58
C SER B 126 -1.86 -3.92 -1.19
N GLY B 127 -1.31 -2.74 -0.91
CA GLY B 127 -1.84 -1.46 -1.39
C GLY B 127 -2.56 -0.66 -0.31
N SER B 128 -2.78 -1.26 0.90
CA SER B 128 -3.41 -0.56 2.00
C SER B 128 -2.53 0.64 2.39
N PRO B 129 -3.12 1.84 2.59
CA PRO B 129 -2.30 3.01 2.90
C PRO B 129 -1.75 3.08 4.32
N ILE B 130 -0.60 3.72 4.44
CA ILE B 130 0.05 4.02 5.70
C ILE B 130 -0.13 5.54 5.89
N LEU B 131 -0.60 5.95 7.08
CA LEU B 131 -0.94 7.35 7.39
C LEU B 131 -0.11 7.99 8.46
N ASP B 132 0.08 9.30 8.35
CA ASP B 132 0.68 10.05 9.46
C ASP B 132 -0.46 10.60 10.37
N LYS B 133 -0.11 11.23 11.49
CA LYS B 133 -1.06 11.77 12.46
C LYS B 133 -2.05 12.79 11.86
N CYS B 134 -1.69 13.41 10.71
CA CYS B 134 -2.59 14.34 9.99
C CYS B 134 -3.57 13.64 9.04
N GLY B 135 -3.45 12.32 8.91
CA GLY B 135 -4.29 11.54 8.01
C GLY B 135 -3.76 11.50 6.59
N ARG B 136 -2.54 12.03 6.36
CA ARG B 136 -1.96 12.03 5.03
C ARG B 136 -1.32 10.70 4.71
N VAL B 137 -1.45 10.28 3.44
CA VAL B 137 -0.88 9.01 3.02
C VAL B 137 0.61 9.16 2.74
N ILE B 138 1.43 8.57 3.61
CA ILE B 138 2.89 8.62 3.47
C ILE B 138 3.47 7.42 2.69
N GLY B 139 2.62 6.51 2.24
CA GLY B 139 3.05 5.37 1.45
C GLY B 139 2.03 4.25 1.46
N LEU B 140 2.29 3.18 0.68
CA LEU B 140 1.42 2.02 0.65
C LEU B 140 2.18 0.82 1.22
N TYR B 141 1.43 -0.03 1.91
CA TYR B 141 1.91 -1.26 2.55
C TYR B 141 1.72 -2.38 1.53
N GLY B 142 2.66 -3.33 1.45
CA GLY B 142 2.44 -4.45 0.53
C GLY B 142 3.61 -4.90 -0.34
N ASN B 143 4.81 -4.32 -0.18
CA ASN B 143 5.99 -4.84 -0.86
C ASN B 143 7.11 -4.90 0.16
N GLY B 144 7.58 -6.11 0.44
CA GLY B 144 8.60 -6.28 1.46
C GLY B 144 9.37 -7.58 1.47
N VAL B 145 9.76 -8.00 2.68
CA VAL B 145 10.59 -9.19 2.87
CA VAL B 145 10.63 -9.17 2.92
C VAL B 145 10.10 -10.09 4.03
N VAL B 146 10.59 -11.35 4.06
CA VAL B 146 10.27 -12.32 5.10
C VAL B 146 11.57 -12.47 5.88
N ILE B 147 11.53 -12.11 7.17
CA ILE B 147 12.73 -12.15 7.99
C ILE B 147 12.93 -13.54 8.63
N LYS B 148 14.12 -13.78 9.23
CA LYS B 148 14.54 -15.06 9.84
C LYS B 148 13.44 -15.94 10.46
N ASN B 149 12.50 -15.37 11.23
CA ASN B 149 11.47 -16.15 11.90
C ASN B 149 10.24 -16.53 11.06
N GLY B 150 10.15 -15.97 9.86
CA GLY B 150 9.02 -16.24 8.98
C GLY B 150 8.01 -15.11 8.90
N SER B 151 8.16 -14.06 9.73
CA SER B 151 7.21 -12.93 9.69
C SER B 151 7.53 -11.95 8.54
N TYR B 152 6.52 -11.15 8.16
CA TYR B 152 6.54 -10.19 7.06
C TYR B 152 6.84 -8.75 7.51
N VAL B 153 7.73 -8.06 6.80
CA VAL B 153 8.06 -6.66 7.03
C VAL B 153 7.94 -5.90 5.69
N SER B 154 7.00 -4.95 5.61
CA SER B 154 6.76 -4.19 4.39
C SER B 154 7.53 -2.89 4.35
N ALA B 155 7.95 -2.45 3.17
CA ALA B 155 8.50 -1.13 3.00
C ALA B 155 7.32 -0.13 3.11
N ILE B 156 7.62 1.13 3.40
CA ILE B 156 6.65 2.20 3.33
C ILE B 156 6.91 2.72 1.91
N THR B 157 6.20 2.16 0.90
CA THR B 157 6.46 2.57 -0.49
C THR B 157 5.73 3.85 -0.90
N GLN B 158 6.48 4.88 -1.24
CA GLN B 158 5.87 6.15 -1.67
C GLN B 158 6.34 6.50 -3.11
N GLY B 159 5.45 7.09 -3.91
CA GLY B 159 5.77 7.54 -5.25
C GLY B 159 6.35 8.95 -5.21
N LYS B 160 6.43 9.59 -6.39
CA LYS B 160 6.94 10.95 -6.53
C LYS B 160 5.85 11.79 -7.19
N ARG B 161 5.58 12.99 -6.65
CA ARG B 161 4.55 13.85 -7.23
C ARG B 161 5.22 14.82 -8.22
N GLU B 162 5.09 14.55 -9.53
CA GLU B 162 5.68 15.35 -10.61
C GLU B 162 5.12 16.78 -10.63
S DMS C . -1.75 -6.10 -18.92
O DMS C . -1.83 -4.64 -18.63
C1 DMS C . -3.27 -6.60 -19.76
C2 DMS C . -2.06 -7.06 -17.40
N1 A1B8P D . 6.87 -13.80 0.89
N3 A1B8P D . 3.81 -9.20 -2.89
C4 A1B8P D . 7.53 -13.18 -0.17
C5 A1B8P D . 6.40 -12.88 1.64
C6 A1B8P D . 7.35 -11.84 -0.02
C7 A1B8P D . 7.77 -10.66 -0.82
C8 A1B8P D . 5.73 -9.41 -1.24
C10 A1B8P D . 4.51 -9.13 -4.08
C13 A1B8P D . 5.73 -8.80 -6.55
C15 A1B8P D . 5.39 -8.05 -4.28
C17 A1B8P D . 6.46 -8.36 -7.79
C20 A1B8P D . 1.91 -9.38 1.22
C21 A1B8P D . 1.77 -10.71 1.58
C22 A1B8P D . 2.45 -11.70 0.89
C24 A1B8P D . 2.11 -14.13 0.01
C26 A1B8P D . 3.22 -11.33 -0.19
C1 A1B8P D . 6.43 -15.02 -3.48
C2 A1B8P D . 7.48 -15.73 -2.71
O1 A1B8P D . 7.56 -15.17 -1.36
C3 A1B8P D . 8.15 -13.97 -1.24
O2 A1B8P D . 9.03 -13.57 -1.96
O3 A1B8P D . 6.62 -11.65 1.13
N2 A1B8P D . 6.72 -10.17 -1.69
O4 A1B8P D . 5.87 -8.49 -0.44
C9 A1B8P D . 4.35 -9.88 -1.73
C11 A1B8P D . 4.21 -10.00 -5.14
C12 A1B8P D . 4.81 -9.83 -6.38
C14 A1B8P D . 5.98 -7.90 -5.52
C16 A1B8P D . 6.96 -6.85 -5.98
N4 A1B8P D . 7.44 -7.40 -7.26
C18 A1B8P D . 3.37 -10.02 -0.58
C19 A1B8P D . 2.69 -9.03 0.13
CL1 A1B8P D . 0.96 -8.18 2.10
C23 A1B8P D . 2.35 -13.17 1.15
C25 A1B8P D . 3.41 -14.13 0.68
#